data_7B31
#
_entry.id   7B31
#
_cell.length_a   99.429
_cell.length_b   59.068
_cell.length_c   61.728
_cell.angle_alpha   90.000
_cell.angle_beta   93.517
_cell.angle_gamma   90.000
#
_symmetry.space_group_name_H-M   'C 1 2 1'
#
loop_
_entity.id
_entity.type
_entity.pdbx_description
1 polymer 'Serine/threonine-protein kinase 24'
2 non-polymer 1-[(5-azanyl-1,3-dioxan-2-yl)methyl]-3-[2-chloranyl-4-(3-fluoranylpyridin-2-yl)phenyl]-7-(methylamino)-1,6-naphthyridin-2-one
3 water water
#
_entity_poly.entity_id   1
_entity_poly.type   'polypeptide(L)'
_entity_poly.pdbx_seq_one_letter_code
;MRAQLWGLALNKRRATLPHPGGSTNLKADPEELFTKLEKIGKGSFGEVFKGIDNRTQKVVAIKIIDLEEAEDEIEDIQQE
ITVLSQCDSPYVTKYYGSYLKDTKLWIIMEYLGGGSALDLLEPGPLDETQIATILREILKGLDYLHSEKKIHRDIKAANV
LLSEHGEVKLADFGVAGQLTDTQIKRNTFVGTPFWMAPEVIKQSAYDSKADIWSLGITAIELARGEPPHSELHPMKVLFL
IPKNNPPTLEGNYSKPLKEFVEACLNKEPSFRPTAKELLKHKFILRNAKKTSYLTELIDAHHHHHH
;
_entity_poly.pdbx_strand_id   A
#
loop_
_chem_comp.id
_chem_comp.type
_chem_comp.name
_chem_comp.formula
SQ8 non-polymer 1-[(5-azanyl-1,3-dioxan-2-yl)methyl]-3-[2-chloranyl-4-(3-fluoranylpyridin-2-yl)phenyl]-7-(methylamino)-1,6-naphthyridin-2-one 'C25 H23 Cl F N5 O3'
#
# COMPACT_ATOMS: atom_id res chain seq x y z
N THR A 24 1.88 -12.00 -20.67
CA THR A 24 1.71 -10.80 -21.48
C THR A 24 1.17 -11.16 -22.86
N ASN A 25 0.10 -10.48 -23.26
CA ASN A 25 -0.57 -10.75 -24.53
C ASN A 25 0.06 -9.89 -25.62
N LEU A 26 0.72 -10.53 -26.59
CA LEU A 26 1.39 -9.82 -27.66
C LEU A 26 0.59 -9.81 -28.96
N LYS A 27 -0.66 -10.27 -28.94
CA LYS A 27 -1.49 -10.31 -30.14
C LYS A 27 -2.72 -9.42 -30.06
N ALA A 28 -3.42 -9.42 -28.94
CA ALA A 28 -4.60 -8.59 -28.78
C ALA A 28 -4.21 -7.11 -28.69
N ASP A 29 -5.14 -6.25 -29.11
CA ASP A 29 -4.92 -4.82 -29.13
C ASP A 29 -5.59 -4.20 -27.92
N PRO A 30 -4.85 -3.74 -26.91
CA PRO A 30 -5.50 -3.20 -25.72
C PRO A 30 -6.36 -1.98 -26.00
N GLU A 31 -6.11 -1.25 -27.09
CA GLU A 31 -6.91 -0.07 -27.38
C GLU A 31 -8.29 -0.42 -27.91
N GLU A 32 -8.46 -1.64 -28.44
CA GLU A 32 -9.80 -2.11 -28.74
C GLU A 32 -10.49 -2.70 -27.51
N LEU A 33 -9.73 -3.30 -26.60
CA LEU A 33 -10.32 -3.95 -25.43
C LEU A 33 -10.69 -2.97 -24.32
N PHE A 34 -10.00 -1.83 -24.23
CA PHE A 34 -10.18 -0.89 -23.13
C PHE A 34 -10.38 0.52 -23.66
N THR A 35 -11.23 1.28 -22.98
CA THR A 35 -11.39 2.70 -23.23
C THR A 35 -10.61 3.45 -22.15
N LYS A 36 -9.64 4.28 -22.56
CA LYS A 36 -8.81 4.99 -21.61
C LYS A 36 -9.49 6.30 -21.22
N LEU A 37 -9.61 6.54 -19.91
CA LEU A 37 -10.25 7.75 -19.40
C LEU A 37 -9.19 8.62 -18.70
N GLU A 38 -9.61 9.36 -17.68
CA GLU A 38 -8.73 10.36 -17.09
C GLU A 38 -7.54 9.72 -16.38
N LYS A 39 -6.44 10.46 -16.33
CA LYS A 39 -5.27 10.01 -15.58
C LYS A 39 -5.58 10.04 -14.08
N ILE A 40 -5.32 8.94 -13.40
CA ILE A 40 -5.32 8.96 -11.95
C ILE A 40 -4.10 9.72 -11.45
N GLY A 41 -2.93 9.32 -11.93
CA GLY A 41 -1.71 10.03 -11.62
C GLY A 41 -0.55 9.33 -12.28
N LYS A 42 0.66 9.67 -11.85
CA LYS A 42 1.86 9.00 -12.32
C LYS A 42 2.31 8.06 -11.20
N GLY A 43 1.98 6.78 -11.34
CA GLY A 43 2.51 5.75 -10.48
C GLY A 43 3.95 5.42 -10.85
N SER A 44 4.41 4.27 -10.37
CA SER A 44 5.75 3.81 -10.70
C SER A 44 5.83 3.38 -12.16
N PHE A 45 6.97 3.66 -12.79
CA PHE A 45 7.30 3.22 -14.15
C PHE A 45 6.51 3.94 -15.24
N GLY A 46 5.30 4.39 -14.96
CA GLY A 46 4.50 5.00 -16.02
C GLY A 46 3.27 5.66 -15.47
N GLU A 47 2.47 6.21 -16.39
CA GLU A 47 1.23 6.88 -16.03
C GLU A 47 0.09 5.89 -15.89
N VAL A 48 -0.85 6.21 -15.00
CA VAL A 48 -1.99 5.35 -14.70
C VAL A 48 -3.27 6.09 -15.03
N PHE A 49 -4.19 5.38 -15.66
CA PHE A 49 -5.47 5.93 -16.09
C PHE A 49 -6.61 5.08 -15.56
N LYS A 50 -7.70 5.76 -15.23
CA LYS A 50 -8.97 5.08 -15.13
C LYS A 50 -9.42 4.67 -16.52
N GLY A 51 -10.02 3.48 -16.63
CA GLY A 51 -10.44 3.00 -17.92
C GLY A 51 -11.64 2.08 -17.81
N ILE A 52 -12.16 1.68 -18.97
CA ILE A 52 -13.33 0.81 -19.06
C ILE A 52 -12.98 -0.43 -19.86
N ASP A 53 -13.31 -1.60 -19.32
CA ASP A 53 -13.25 -2.84 -20.08
C ASP A 53 -14.43 -2.85 -21.03
N ASN A 54 -14.15 -2.79 -22.33
CA ASN A 54 -15.24 -2.61 -23.27
C ASN A 54 -16.18 -3.82 -23.35
N ARG A 55 -15.74 -5.00 -22.90
CA ARG A 55 -16.60 -6.17 -22.99
C ARG A 55 -17.57 -6.27 -21.81
N THR A 56 -17.07 -5.95 -20.59
CA THR A 56 -17.90 -6.04 -19.39
C THR A 56 -18.42 -4.68 -18.92
N GLN A 57 -17.79 -3.59 -19.34
CA GLN A 57 -18.05 -2.22 -18.89
C GLN A 57 -17.61 -1.97 -17.46
N LYS A 58 -16.88 -2.91 -16.84
CA LYS A 58 -16.30 -2.66 -15.53
C LYS A 58 -15.18 -1.63 -15.64
N VAL A 59 -14.99 -0.88 -14.56
CA VAL A 59 -13.93 0.12 -14.53
C VAL A 59 -12.62 -0.56 -14.13
N VAL A 60 -11.53 -0.21 -14.80
CA VAL A 60 -10.22 -0.78 -14.51
C VAL A 60 -9.23 0.35 -14.30
N ALA A 61 -8.09 0.00 -13.69
CA ALA A 61 -6.93 0.89 -13.67
C ALA A 61 -5.94 0.41 -14.72
N ILE A 62 -5.44 1.33 -15.53
CA ILE A 62 -4.56 1.00 -16.65
C ILE A 62 -3.25 1.74 -16.48
N LYS A 63 -2.16 1.00 -16.30
CA LYS A 63 -0.83 1.61 -16.30
C LYS A 63 -0.22 1.39 -17.67
N ILE A 64 0.29 2.46 -18.27
CA ILE A 64 0.95 2.40 -19.57
C ILE A 64 2.41 2.76 -19.37
N ILE A 65 3.29 1.83 -19.69
CA ILE A 65 4.74 2.00 -19.52
C ILE A 65 5.36 2.04 -20.90
N ASP A 66 6.11 3.10 -21.19
CA ASP A 66 6.89 3.20 -22.41
C ASP A 66 8.18 2.39 -22.24
N LEU A 67 8.29 1.27 -22.96
CA LEU A 67 9.39 0.36 -22.71
C LEU A 67 10.72 0.89 -23.24
N GLU A 68 10.70 1.80 -24.21
CA GLU A 68 11.95 2.43 -24.62
C GLU A 68 12.41 3.46 -23.60
N GLU A 69 11.49 4.22 -23.02
CA GLU A 69 11.86 5.21 -22.02
C GLU A 69 12.30 4.56 -20.72
N ALA A 70 11.72 3.42 -20.36
CA ALA A 70 11.88 2.82 -19.04
C ALA A 70 12.64 1.49 -19.12
N GLU A 71 13.66 1.44 -19.97
CA GLU A 71 14.33 0.16 -20.24
C GLU A 71 15.07 -0.38 -19.02
N ASP A 72 15.73 0.49 -18.25
CA ASP A 72 16.52 0.02 -17.12
C ASP A 72 15.66 -0.60 -16.02
N GLU A 73 14.37 -0.29 -16.00
CA GLU A 73 13.47 -0.78 -14.96
C GLU A 73 12.61 -1.95 -15.40
N ILE A 74 12.90 -2.55 -16.56
CA ILE A 74 11.99 -3.54 -17.13
C ILE A 74 11.90 -4.79 -16.26
N GLU A 75 13.03 -5.23 -15.69
CA GLU A 75 13.02 -6.44 -14.88
C GLU A 75 12.20 -6.24 -13.60
N ASP A 76 12.25 -5.06 -12.99
CA ASP A 76 11.41 -4.78 -11.83
C ASP A 76 9.93 -4.82 -12.19
N ILE A 77 9.58 -4.31 -13.37
CA ILE A 77 8.19 -4.37 -13.84
C ILE A 77 7.74 -5.82 -13.96
N GLN A 78 8.58 -6.64 -14.61
CA GLN A 78 8.26 -8.05 -14.79
C GLN A 78 8.03 -8.75 -13.45
N GLN A 79 8.89 -8.47 -12.46
CA GLN A 79 8.77 -9.18 -11.19
C GLN A 79 7.53 -8.75 -10.41
N GLU A 80 7.10 -7.49 -10.51
CA GLU A 80 5.85 -7.10 -9.89
C GLU A 80 4.65 -7.76 -10.58
N ILE A 81 4.71 -7.91 -11.90
CA ILE A 81 3.67 -8.64 -12.61
C ILE A 81 3.58 -10.07 -12.11
N THR A 82 4.74 -10.73 -11.98
CA THR A 82 4.78 -12.11 -11.51
C THR A 82 4.17 -12.24 -10.12
N VAL A 83 4.57 -11.35 -9.20
CA VAL A 83 4.08 -11.44 -7.84
C VAL A 83 2.57 -11.20 -7.80
N LEU A 84 2.09 -10.18 -8.51
CA LEU A 84 0.65 -9.89 -8.49
C LEU A 84 -0.15 -11.02 -9.13
N SER A 85 0.40 -11.64 -10.16
CA SER A 85 -0.30 -12.74 -10.82
C SER A 85 -0.39 -13.97 -9.94
N GLN A 86 0.46 -14.06 -8.92
CA GLN A 86 0.42 -15.17 -7.98
C GLN A 86 -0.46 -14.91 -6.77
N CYS A 87 -1.00 -13.70 -6.62
CA CYS A 87 -1.84 -13.35 -5.49
C CYS A 87 -3.30 -13.57 -5.83
N ASP A 88 -4.02 -14.22 -4.91
CA ASP A 88 -5.49 -14.36 -5.02
C ASP A 88 -6.05 -14.16 -3.61
N SER A 89 -6.37 -12.91 -3.28
CA SER A 89 -6.81 -12.53 -1.95
C SER A 89 -7.73 -11.32 -2.05
N PRO A 90 -8.78 -11.28 -1.23
CA PRO A 90 -9.58 -10.05 -1.10
C PRO A 90 -8.76 -8.84 -0.69
N TYR A 91 -7.56 -9.03 -0.15
CA TYR A 91 -6.79 -7.92 0.43
C TYR A 91 -5.65 -7.48 -0.47
N VAL A 92 -5.54 -8.02 -1.67
CA VAL A 92 -4.50 -7.60 -2.62
C VAL A 92 -5.18 -7.20 -3.93
N THR A 93 -4.85 -6.02 -4.44
CA THR A 93 -5.48 -5.53 -5.67
C THR A 93 -5.38 -6.54 -6.79
N LYS A 94 -6.51 -6.79 -7.45
CA LYS A 94 -6.59 -7.83 -8.47
C LYS A 94 -5.85 -7.40 -9.73
N TYR A 95 -5.12 -8.35 -10.33
CA TYR A 95 -4.36 -8.17 -11.56
C TYR A 95 -5.07 -8.88 -12.70
N TYR A 96 -5.34 -8.16 -13.79
CA TYR A 96 -6.09 -8.75 -14.90
C TYR A 96 -5.23 -9.13 -16.10
N GLY A 97 -4.03 -8.59 -16.24
CA GLY A 97 -3.20 -9.01 -17.36
C GLY A 97 -2.42 -7.86 -17.97
N SER A 98 -1.61 -8.16 -18.99
CA SER A 98 -0.79 -7.15 -19.63
C SER A 98 -0.80 -7.36 -21.13
N TYR A 99 -0.53 -6.28 -21.85
CA TYR A 99 -0.60 -6.22 -23.30
C TYR A 99 0.54 -5.36 -23.82
N LEU A 100 1.11 -5.76 -24.94
CA LEU A 100 2.18 -5.00 -25.58
C LEU A 100 1.65 -4.43 -26.89
N LYS A 101 1.63 -3.10 -26.99
CA LYS A 101 1.21 -2.40 -28.21
C LYS A 101 2.31 -1.44 -28.63
N ASP A 102 2.89 -1.67 -29.81
CA ASP A 102 4.10 -0.95 -30.23
C ASP A 102 5.12 -1.01 -29.10
N THR A 103 5.59 0.14 -28.64
CA THR A 103 6.59 0.19 -27.56
C THR A 103 5.97 0.26 -26.17
N LYS A 104 4.65 0.20 -26.05
CA LYS A 104 3.99 0.50 -24.79
C LYS A 104 3.41 -0.75 -24.17
N LEU A 105 3.70 -0.96 -22.89
CA LEU A 105 3.15 -2.06 -22.13
C LEU A 105 1.95 -1.55 -21.34
N TRP A 106 0.77 -2.13 -21.59
CA TRP A 106 -0.45 -1.83 -20.83
C TRP A 106 -0.61 -2.87 -19.73
N ILE A 107 -0.76 -2.42 -18.49
CA ILE A 107 -0.99 -3.31 -17.36
C ILE A 107 -2.37 -3.01 -16.78
N ILE A 108 -3.21 -4.03 -16.66
CA ILE A 108 -4.61 -3.86 -16.28
C ILE A 108 -4.81 -4.40 -14.87
N MET A 109 -5.34 -3.55 -13.99
CA MET A 109 -5.69 -3.94 -12.63
CA MET A 109 -5.69 -3.94 -12.63
C MET A 109 -7.12 -3.51 -12.33
N GLU A 110 -7.68 -4.04 -11.24
CA GLU A 110 -9.00 -3.58 -10.87
C GLU A 110 -8.90 -2.13 -10.37
N TYR A 111 -9.96 -1.37 -10.61
CA TYR A 111 -10.04 0.01 -10.16
C TYR A 111 -10.67 0.06 -8.77
N LEU A 112 -10.00 0.70 -7.82
CA LEU A 112 -10.52 0.86 -6.47
C LEU A 112 -10.92 2.34 -6.29
N GLY A 113 -12.22 2.60 -6.27
CA GLY A 113 -12.75 3.95 -6.38
C GLY A 113 -12.70 4.79 -5.11
N GLY A 114 -12.34 4.21 -3.97
CA GLY A 114 -12.23 4.99 -2.76
C GLY A 114 -10.95 5.79 -2.65
N GLY A 115 -9.96 5.51 -3.48
CA GLY A 115 -8.68 6.20 -3.40
C GLY A 115 -7.76 5.55 -2.39
N SER A 116 -6.63 6.21 -2.13
CA SER A 116 -5.68 5.67 -1.18
C SER A 116 -5.98 6.17 0.23
N ALA A 117 -5.52 5.40 1.21
CA ALA A 117 -5.63 5.84 2.61
C ALA A 117 -4.96 7.19 2.81
N LEU A 118 -3.85 7.44 2.12
CA LEU A 118 -3.21 8.75 2.22
C LEU A 118 -4.13 9.85 1.75
N ASP A 119 -4.83 9.64 0.62
CA ASP A 119 -5.81 10.61 0.14
C ASP A 119 -6.84 10.93 1.21
N LEU A 120 -7.32 9.90 1.89
CA LEU A 120 -8.42 10.04 2.83
C LEU A 120 -8.02 10.76 4.11
N LEU A 121 -6.72 10.99 4.32
CA LEU A 121 -6.27 11.83 5.43
C LEU A 121 -6.50 13.32 5.16
N GLU A 122 -6.73 13.72 3.91
CA GLU A 122 -6.75 15.13 3.55
C GLU A 122 -7.78 15.96 4.30
N PRO A 123 -9.05 15.54 4.44
CA PRO A 123 -10.04 16.42 5.09
C PRO A 123 -9.78 16.69 6.56
N GLY A 124 -8.97 15.88 7.24
CA GLY A 124 -8.80 16.04 8.66
C GLY A 124 -8.42 14.72 9.29
N PRO A 125 -8.19 14.71 10.60
CA PRO A 125 -7.63 13.51 11.23
C PRO A 125 -8.61 12.36 11.23
N LEU A 126 -8.05 11.15 11.15
CA LEU A 126 -8.84 9.94 11.37
C LEU A 126 -9.15 9.78 12.86
N ASP A 127 -10.25 9.08 13.17
CA ASP A 127 -10.43 8.67 14.54
C ASP A 127 -9.88 7.25 14.73
N GLU A 128 -9.81 6.82 15.98
CA GLU A 128 -9.11 5.56 16.24
C GLU A 128 -9.88 4.34 15.74
N THR A 129 -11.19 4.43 15.60
CA THR A 129 -11.94 3.36 14.94
C THR A 129 -11.53 3.21 13.46
N GLN A 130 -11.38 4.35 12.77
CA GLN A 130 -10.95 4.31 11.37
C GLN A 130 -9.51 3.80 11.26
N ILE A 131 -8.64 4.27 12.16
CA ILE A 131 -7.26 3.80 12.16
C ILE A 131 -7.21 2.29 12.38
N ALA A 132 -7.91 1.80 13.40
CA ALA A 132 -7.86 0.38 13.70
C ALA A 132 -8.47 -0.45 12.58
N THR A 133 -9.54 0.05 11.96
CA THR A 133 -10.15 -0.72 10.87
C THR A 133 -9.19 -0.84 9.69
N ILE A 134 -8.53 0.26 9.33
CA ILE A 134 -7.59 0.23 8.21
C ILE A 134 -6.39 -0.66 8.54
N LEU A 135 -5.84 -0.53 9.74
CA LEU A 135 -4.71 -1.39 10.12
C LEU A 135 -5.09 -2.86 10.13
N ARG A 136 -6.30 -3.18 10.60
CA ARG A 136 -6.73 -4.58 10.61
C ARG A 136 -6.77 -5.15 9.20
N GLU A 137 -7.31 -4.39 8.25
CA GLU A 137 -7.39 -4.91 6.89
C GLU A 137 -6.01 -5.02 6.27
N ILE A 138 -5.12 -4.05 6.53
CA ILE A 138 -3.74 -4.17 6.09
C ILE A 138 -3.12 -5.44 6.65
N LEU A 139 -3.35 -5.70 7.94
CA LEU A 139 -2.81 -6.90 8.57
C LEU A 139 -3.36 -8.17 7.93
N LYS A 140 -4.62 -8.16 7.51
CA LYS A 140 -5.15 -9.33 6.82
C LYS A 140 -4.42 -9.57 5.50
N GLY A 141 -4.09 -8.50 4.77
CA GLY A 141 -3.28 -8.64 3.59
C GLY A 141 -1.85 -9.09 3.87
N LEU A 142 -1.24 -8.57 4.94
CA LEU A 142 0.11 -9.04 5.29
C LEU A 142 0.10 -10.48 5.74
N ASP A 143 -0.91 -10.88 6.52
CA ASP A 143 -1.05 -12.29 6.89
C ASP A 143 -1.10 -13.18 5.65
N TYR A 144 -1.89 -12.77 4.66
CA TYR A 144 -1.96 -13.53 3.42
C TYR A 144 -0.59 -13.62 2.74
N LEU A 145 0.04 -12.46 2.51
CA LEU A 145 1.32 -12.43 1.80
C LEU A 145 2.38 -13.24 2.54
N HIS A 146 2.51 -13.03 3.85
CA HIS A 146 3.54 -13.73 4.61
C HIS A 146 3.27 -15.23 4.67
N SER A 147 2.00 -15.63 4.72
CA SER A 147 1.69 -17.06 4.63
C SER A 147 2.07 -17.64 3.26
N GLU A 148 2.08 -16.81 2.23
CA GLU A 148 2.50 -17.20 0.89
C GLU A 148 4.00 -17.02 0.66
N LYS A 149 4.76 -16.73 1.72
CA LYS A 149 6.21 -16.51 1.63
C LYS A 149 6.54 -15.31 0.73
N LYS A 150 5.71 -14.29 0.80
CA LYS A 150 5.91 -13.04 0.07
C LYS A 150 6.10 -11.90 1.06
N ILE A 151 6.75 -10.83 0.61
CA ILE A 151 6.95 -9.63 1.41
C ILE A 151 6.47 -8.45 0.58
N HIS A 152 5.66 -7.57 1.18
CA HIS A 152 5.15 -6.46 0.37
C HIS A 152 6.26 -5.48 0.02
N ARG A 153 7.03 -5.07 1.01
CA ARG A 153 8.25 -4.26 0.95
C ARG A 153 7.98 -2.76 0.82
N ASP A 154 6.73 -2.32 0.67
CA ASP A 154 6.48 -0.87 0.66
C ASP A 154 5.12 -0.55 1.30
N ILE A 155 4.92 -1.01 2.53
CA ILE A 155 3.69 -0.67 3.23
C ILE A 155 3.75 0.79 3.67
N LYS A 156 2.75 1.58 3.25
CA LYS A 156 2.62 3.01 3.54
C LYS A 156 1.19 3.38 3.15
N ALA A 157 0.71 4.51 3.68
CA ALA A 157 -0.70 4.86 3.44
C ALA A 157 -0.98 5.08 1.95
N ALA A 158 0.01 5.56 1.19
CA ALA A 158 -0.21 5.81 -0.25
C ALA A 158 -0.42 4.52 -1.04
N ASN A 159 0.03 3.38 -0.53
CA ASN A 159 -0.05 2.10 -1.23
C ASN A 159 -1.18 1.23 -0.71
N VAL A 160 -2.08 1.80 0.08
CA VAL A 160 -3.27 1.11 0.57
C VAL A 160 -4.46 1.75 -0.12
N LEU A 161 -5.19 0.95 -0.89
CA LEU A 161 -6.29 1.45 -1.71
C LEU A 161 -7.61 0.95 -1.16
N LEU A 162 -8.65 1.80 -1.23
CA LEU A 162 -9.98 1.43 -0.79
C LEU A 162 -10.93 1.35 -1.98
N SER A 163 -11.81 0.35 -1.96
CA SER A 163 -12.90 0.34 -2.92
C SER A 163 -13.95 1.37 -2.52
N GLU A 164 -14.88 1.63 -3.44
CA GLU A 164 -15.99 2.52 -3.15
C GLU A 164 -16.87 1.99 -2.02
N HIS A 165 -16.74 0.71 -1.66
CA HIS A 165 -17.51 0.14 -0.56
C HIS A 165 -16.77 0.14 0.77
N GLY A 166 -15.53 0.65 0.81
CA GLY A 166 -14.74 0.63 2.02
C GLY A 166 -13.81 -0.55 2.16
N GLU A 167 -13.78 -1.47 1.19
CA GLU A 167 -12.81 -2.56 1.26
C GLU A 167 -11.39 -2.00 1.14
N VAL A 168 -10.45 -2.64 1.83
CA VAL A 168 -9.09 -2.14 1.95
C VAL A 168 -8.12 -3.15 1.34
N LYS A 169 -7.27 -2.71 0.41
CA LYS A 169 -6.40 -3.65 -0.30
C LYS A 169 -5.00 -3.07 -0.47
N LEU A 170 -4.02 -3.95 -0.62
CA LEU A 170 -2.65 -3.54 -0.83
C LEU A 170 -2.34 -3.40 -2.31
N ALA A 171 -1.50 -2.41 -2.63
CA ALA A 171 -1.03 -2.17 -4.00
C ALA A 171 0.43 -1.78 -3.97
N ASP A 172 1.02 -1.62 -5.16
CA ASP A 172 2.36 -1.04 -5.33
C ASP A 172 3.41 -1.74 -4.46
N PHE A 173 3.58 -3.04 -4.70
CA PHE A 173 4.65 -3.79 -4.05
C PHE A 173 6.01 -3.13 -4.29
N GLY A 174 6.86 -3.16 -3.25
CA GLY A 174 8.20 -2.63 -3.39
C GLY A 174 9.13 -3.54 -4.18
N VAL A 175 10.21 -2.95 -4.68
CA VAL A 175 11.15 -3.67 -5.53
C VAL A 175 12.08 -4.51 -4.66
N ALA A 176 12.24 -5.78 -5.02
CA ALA A 176 13.09 -6.69 -4.27
C ALA A 176 14.58 -6.37 -4.43
N THR A 192 12.58 6.56 -1.36
CA THR A 192 12.21 7.36 -0.20
C THR A 192 12.25 6.48 1.06
N PRO A 193 12.95 6.95 2.11
CA PRO A 193 13.34 6.06 3.20
C PRO A 193 12.40 6.00 4.40
N PHE A 194 11.34 6.80 4.46
CA PHE A 194 10.68 7.08 5.75
C PHE A 194 10.01 5.87 6.34
N TRP A 195 9.55 4.92 5.52
CA TRP A 195 8.84 3.75 6.01
C TRP A 195 9.73 2.50 6.10
N MET A 196 11.01 2.63 5.78
CA MET A 196 11.92 1.48 5.70
C MET A 196 12.40 1.04 7.08
N ALA A 197 12.41 -0.28 7.29
CA ALA A 197 12.97 -0.83 8.50
C ALA A 197 14.48 -0.61 8.55
N PRO A 198 15.06 -0.51 9.74
CA PRO A 198 16.51 -0.23 9.81
C PRO A 198 17.34 -1.31 9.13
N GLU A 199 16.90 -2.57 9.20
CA GLU A 199 17.71 -3.65 8.62
C GLU A 199 17.62 -3.66 7.09
N VAL A 200 16.54 -3.12 6.53
CA VAL A 200 16.49 -2.93 5.09
C VAL A 200 17.47 -1.85 4.66
N ILE A 201 17.54 -0.76 5.43
CA ILE A 201 18.48 0.33 5.11
C ILE A 201 19.91 -0.15 5.22
N LYS A 202 20.24 -0.85 6.30
CA LYS A 202 21.59 -1.38 6.44
C LYS A 202 21.86 -2.53 5.49
N GLN A 203 20.94 -2.76 4.56
CA GLN A 203 21.04 -3.80 3.52
C GLN A 203 21.41 -5.15 4.13
N SER A 204 21.03 -5.34 5.39
CA SER A 204 21.27 -6.58 6.10
C SER A 204 20.30 -7.67 5.64
N TYR A 206 16.87 -9.37 5.26
CA TYR A 206 15.63 -9.09 5.99
C TYR A 206 14.50 -10.04 5.56
N ASP A 207 13.41 -10.08 6.33
CA ASP A 207 12.31 -11.00 6.09
C ASP A 207 11.00 -10.24 6.23
N SER A 208 9.92 -10.99 6.46
CA SER A 208 8.58 -10.39 6.56
C SER A 208 8.45 -9.40 7.72
N LYS A 209 9.35 -9.44 8.70
CA LYS A 209 9.22 -8.51 9.82
C LYS A 209 9.53 -7.08 9.40
N ALA A 210 10.19 -6.89 8.25
CA ALA A 210 10.36 -5.55 7.71
C ALA A 210 9.00 -4.92 7.40
N ASP A 211 8.04 -5.71 6.93
CA ASP A 211 6.69 -5.21 6.69
C ASP A 211 6.02 -4.78 7.99
N ILE A 212 6.31 -5.47 9.09
CA ILE A 212 5.72 -5.12 10.37
C ILE A 212 6.25 -3.77 10.87
N TRP A 213 7.55 -3.51 10.70
CA TRP A 213 8.07 -2.18 10.96
C TRP A 213 7.36 -1.13 10.11
N SER A 214 7.29 -1.34 8.78
CA SER A 214 6.61 -0.39 7.91
C SER A 214 5.16 -0.19 8.35
N LEU A 215 4.51 -1.23 8.84
CA LEU A 215 3.15 -1.09 9.36
C LEU A 215 3.11 -0.15 10.55
N GLY A 216 4.11 -0.25 11.43
CA GLY A 216 4.19 0.67 12.56
C GLY A 216 4.35 2.11 12.12
N ILE A 217 5.20 2.35 11.11
CA ILE A 217 5.32 3.70 10.55
C ILE A 217 3.99 4.14 9.96
N THR A 218 3.32 3.22 9.27
CA THR A 218 2.03 3.54 8.66
C THR A 218 0.98 3.85 9.72
N ALA A 219 1.03 3.16 10.85
CA ALA A 219 0.13 3.49 11.95
C ALA A 219 0.35 4.92 12.44
N ILE A 220 1.61 5.34 12.57
CA ILE A 220 1.88 6.73 12.93
C ILE A 220 1.35 7.67 11.85
N GLU A 221 1.55 7.30 10.60
CA GLU A 221 1.10 8.12 9.47
C GLU A 221 -0.42 8.28 9.49
N LEU A 222 -1.15 7.21 9.75
CA LEU A 222 -2.61 7.30 9.80
C LEU A 222 -3.08 8.16 10.97
N ALA A 223 -2.32 8.18 12.07
CA ALA A 223 -2.73 8.95 13.25
C ALA A 223 -2.34 10.41 13.12
N ARG A 224 -1.15 10.69 12.58
CA ARG A 224 -0.57 12.03 12.56
C ARG A 224 -0.63 12.71 11.21
N GLY A 225 -0.77 11.98 10.11
CA GLY A 225 -0.81 12.55 8.78
C GLY A 225 0.46 12.36 7.99
N GLU A 226 1.58 12.06 8.66
CA GLU A 226 2.90 11.99 8.06
C GLU A 226 3.74 11.00 8.86
N PRO A 227 4.73 10.38 8.25
CA PRO A 227 5.62 9.48 9.01
C PRO A 227 6.60 10.28 9.83
N PRO A 228 7.31 9.64 10.77
CA PRO A 228 8.41 10.32 11.46
C PRO A 228 9.47 10.84 10.50
N HIS A 229 10.09 11.94 10.88
CA HIS A 229 11.18 12.58 10.15
C HIS A 229 10.72 13.22 8.84
N SER A 230 9.42 13.45 8.66
CA SER A 230 8.95 13.86 7.34
C SER A 230 9.45 15.23 6.94
N GLU A 231 9.88 16.05 7.89
CA GLU A 231 10.44 17.37 7.60
C GLU A 231 11.89 17.33 7.16
N LEU A 232 12.56 16.19 7.27
CA LEU A 232 14.00 16.11 7.08
C LEU A 232 14.36 15.61 5.69
N HIS A 233 15.58 15.96 5.28
CA HIS A 233 16.09 15.51 3.98
C HIS A 233 16.24 13.99 3.99
N PRO A 234 15.85 13.30 2.91
CA PRO A 234 15.93 11.84 2.89
C PRO A 234 17.31 11.28 3.20
N MET A 235 18.39 11.95 2.80
CA MET A 235 19.70 11.40 3.10
C MET A 235 19.99 11.43 4.60
N LYS A 236 19.41 12.38 5.33
CA LYS A 236 19.55 12.35 6.78
C LYS A 236 18.72 11.24 7.39
N VAL A 237 17.50 11.04 6.87
CA VAL A 237 16.66 9.97 7.39
C VAL A 237 17.37 8.63 7.22
N LEU A 238 18.17 8.50 6.17
CA LEU A 238 18.87 7.24 5.89
C LEU A 238 19.82 6.86 7.02
N PHE A 239 20.46 7.82 7.67
CA PHE A 239 21.28 7.43 8.81
C PHE A 239 20.53 7.52 10.13
N LEU A 240 19.45 8.30 10.21
CA LEU A 240 18.74 8.43 11.48
C LEU A 240 17.98 7.15 11.83
N ILE A 241 17.41 6.47 10.85
CA ILE A 241 16.62 5.27 11.15
C ILE A 241 17.47 4.20 11.82
N PRO A 242 18.65 3.83 11.29
CA PRO A 242 19.50 2.88 12.05
C PRO A 242 20.04 3.45 13.35
N LYS A 243 20.38 4.75 13.37
CA LYS A 243 21.09 5.33 14.51
C LYS A 243 20.18 5.53 15.72
N ASN A 244 18.97 6.05 15.50
CA ASN A 244 18.12 6.54 16.59
C ASN A 244 17.32 5.41 17.23
N ASN A 245 16.82 5.66 18.46
CA ASN A 245 15.78 4.81 19.00
C ASN A 245 14.58 4.82 18.04
N PRO A 246 13.76 3.77 18.07
CA PRO A 246 12.61 3.74 17.17
C PRO A 246 11.68 4.89 17.45
N PRO A 247 10.95 5.36 16.44
CA PRO A 247 9.94 6.39 16.68
C PRO A 247 8.85 5.89 17.62
N THR A 248 8.22 6.84 18.30
CA THR A 248 7.02 6.54 19.07
C THR A 248 5.90 7.45 18.58
N LEU A 249 4.67 7.05 18.85
CA LEU A 249 3.51 7.89 18.52
C LEU A 249 3.31 8.94 19.62
N GLU A 250 3.46 10.21 19.27
CA GLU A 250 3.35 11.30 20.23
C GLU A 250 2.03 12.03 20.03
N GLY A 251 1.33 12.30 21.13
CA GLY A 251 0.07 12.99 21.06
C GLY A 251 -0.97 12.35 21.96
N ASN A 252 -2.18 12.90 21.96
CA ASN A 252 -3.24 12.41 22.83
C ASN A 252 -3.96 11.23 22.15
N TYR A 253 -3.22 10.13 22.02
CA TYR A 253 -3.74 8.88 21.45
C TYR A 253 -3.86 7.83 22.56
N SER A 254 -4.75 6.86 22.35
CA SER A 254 -4.97 5.86 23.39
C SER A 254 -3.69 5.06 23.64
N LYS A 255 -3.55 4.59 24.87
CA LYS A 255 -2.37 3.78 25.17
C LYS A 255 -2.33 2.50 24.34
N PRO A 256 -3.44 1.80 24.07
CA PRO A 256 -3.34 0.66 23.15
C PRO A 256 -2.81 1.03 21.77
N LEU A 257 -3.18 2.19 21.23
CA LEU A 257 -2.62 2.56 19.94
C LEU A 257 -1.12 2.84 20.05
N LYS A 258 -0.70 3.56 21.10
CA LYS A 258 0.74 3.77 21.26
C LYS A 258 1.48 2.44 21.43
N GLU A 259 0.86 1.48 22.13
CA GLU A 259 1.50 0.18 22.33
C GLU A 259 1.56 -0.62 21.03
N PHE A 260 0.51 -0.52 20.19
CA PHE A 260 0.56 -1.17 18.88
C PHE A 260 1.75 -0.67 18.07
N VAL A 261 1.93 0.65 18.03
CA VAL A 261 3.05 1.26 17.33
C VAL A 261 4.38 0.77 17.91
N GLU A 262 4.51 0.78 19.23
CA GLU A 262 5.75 0.36 19.87
C GLU A 262 6.07 -1.10 19.56
N ALA A 263 5.05 -1.95 19.52
CA ALA A 263 5.29 -3.36 19.24
C ALA A 263 5.85 -3.55 17.84
N CYS A 264 5.31 -2.82 16.86
CA CYS A 264 5.81 -2.89 15.49
C CYS A 264 7.21 -2.30 15.37
N LEU A 265 7.47 -1.22 16.10
CA LEU A 265 8.70 -0.44 15.92
C LEU A 265 9.73 -0.81 16.99
N ASN A 266 10.14 -2.07 16.95
CA ASN A 266 11.29 -2.54 17.70
C ASN A 266 12.46 -2.67 16.73
N LYS A 267 13.64 -2.21 17.15
CA LYS A 267 14.80 -2.33 16.28
C LYS A 267 15.13 -3.79 15.98
N GLU A 268 14.88 -4.69 16.94
CA GLU A 268 15.14 -6.11 16.76
C GLU A 268 13.99 -6.77 16.01
N PRO A 269 14.19 -7.25 14.77
CA PRO A 269 13.06 -7.81 14.01
C PRO A 269 12.39 -8.97 14.72
N SER A 270 13.16 -9.82 15.42
CA SER A 270 12.59 -10.98 16.07
C SER A 270 11.70 -10.60 17.26
N PHE A 271 11.81 -9.36 17.74
CA PHE A 271 10.95 -8.87 18.80
C PHE A 271 9.66 -8.27 18.26
N ARG A 272 9.55 -8.07 16.93
CA ARG A 272 8.28 -7.62 16.39
C ARG A 272 7.31 -8.79 16.32
N PRO A 273 6.02 -8.55 16.53
CA PRO A 273 5.04 -9.64 16.41
C PRO A 273 4.77 -9.95 14.95
N THR A 274 4.16 -11.10 14.73
CA THR A 274 3.68 -11.45 13.40
C THR A 274 2.37 -10.72 13.10
N ALA A 275 2.01 -10.68 11.81
CA ALA A 275 0.72 -10.10 11.43
C ALA A 275 -0.43 -10.86 12.08
N LYS A 276 -0.33 -12.20 12.08
CA LYS A 276 -1.31 -13.03 12.76
C LYS A 276 -1.50 -12.61 14.21
N GLU A 277 -0.40 -12.38 14.93
CA GLU A 277 -0.51 -11.98 16.32
C GLU A 277 -1.10 -10.59 16.46
N LEU A 278 -0.76 -9.68 15.56
CA LEU A 278 -1.23 -8.30 15.65
C LEU A 278 -2.72 -8.19 15.34
N LEU A 279 -3.29 -9.14 14.61
CA LEU A 279 -4.73 -9.16 14.40
C LEU A 279 -5.50 -9.36 15.70
N LYS A 280 -4.84 -9.89 16.74
CA LYS A 280 -5.44 -10.05 18.06
C LYS A 280 -4.99 -8.98 19.06
N HIS A 281 -4.26 -7.96 18.59
CA HIS A 281 -3.82 -6.90 19.50
C HIS A 281 -5.03 -6.17 20.06
N LYS A 282 -4.95 -5.79 21.35
CA LYS A 282 -6.07 -5.13 21.99
C LYS A 282 -6.47 -3.85 21.27
N PHE A 283 -5.51 -3.13 20.67
CA PHE A 283 -5.92 -1.94 19.93
C PHE A 283 -6.88 -2.30 18.81
N ILE A 284 -6.57 -3.37 18.08
CA ILE A 284 -7.41 -3.81 16.97
C ILE A 284 -8.76 -4.32 17.49
N LEU A 285 -8.73 -5.23 18.46
CA LEU A 285 -9.97 -5.85 18.91
C LEU A 285 -10.91 -4.81 19.53
N ARG A 286 -10.36 -3.81 20.23
CA ARG A 286 -11.25 -2.91 20.95
C ARG A 286 -11.78 -1.78 20.08
N ASN A 287 -11.17 -1.53 18.92
CA ASN A 287 -11.49 -0.33 18.15
C ASN A 287 -11.94 -0.59 16.71
N ALA A 288 -11.49 -1.66 16.06
CA ALA A 288 -11.85 -1.87 14.67
C ALA A 288 -13.32 -2.25 14.55
N LYS A 289 -13.95 -1.78 13.47
CA LYS A 289 -15.35 -2.11 13.21
C LYS A 289 -15.51 -2.52 11.74
N LYS A 290 -16.74 -2.61 11.24
CA LYS A 290 -16.97 -3.11 9.89
C LYS A 290 -16.33 -2.18 8.85
N THR A 291 -15.78 -2.77 7.77
CA THR A 291 -15.12 -1.94 6.75
C THR A 291 -16.12 -1.05 6.04
N SER A 292 -17.38 -1.46 5.97
CA SER A 292 -18.39 -0.67 5.28
C SER A 292 -18.53 0.71 5.91
N TYR A 293 -18.14 0.86 7.18
CA TYR A 293 -18.19 2.18 7.83
C TYR A 293 -17.21 3.15 7.20
N LEU A 294 -16.18 2.66 6.51
CA LEU A 294 -15.21 3.55 5.88
C LEU A 294 -15.79 4.31 4.68
N THR A 295 -17.00 3.96 4.20
CA THR A 295 -17.60 4.78 3.16
C THR A 295 -17.85 6.20 3.66
N GLU A 296 -18.08 6.36 4.96
CA GLU A 296 -18.21 7.70 5.52
C GLU A 296 -16.93 8.49 5.32
N LEU A 297 -15.79 7.83 5.46
CA LEU A 297 -14.51 8.47 5.21
C LEU A 297 -14.34 8.82 3.74
N ILE A 298 -14.76 7.92 2.84
CA ILE A 298 -14.68 8.20 1.42
C ILE A 298 -15.59 9.37 1.06
N ASP A 299 -16.81 9.40 1.63
CA ASP A 299 -17.72 10.51 1.37
C ASP A 299 -17.15 11.82 1.89
N ALA A 300 -16.53 11.79 3.07
CA ALA A 300 -15.91 13.01 3.61
C ALA A 300 -14.88 13.57 2.65
N HIS A 301 -14.10 12.70 1.99
CA HIS A 301 -13.11 13.15 1.03
C HIS A 301 -13.74 13.77 -0.20
N HIS A 302 -14.91 13.26 -0.61
CA HIS A 302 -15.58 13.83 -1.79
C HIS A 302 -16.15 15.22 -1.49
N HIS A 303 -16.67 15.41 -0.26
CA HIS A 303 -17.23 16.70 0.13
C HIS A 303 -16.17 17.72 0.50
N HIS A 304 -14.90 17.32 0.59
CA HIS A 304 -13.81 18.22 0.93
C HIS A 304 -13.23 18.87 -0.32
C20 SQ8 B . -4.91 1.17 -9.10
C21 SQ8 B . -6.23 0.81 -8.79
C22 SQ8 B . -6.77 2.92 -8.06
C23 SQ8 B . -7.40 5.15 -7.27
C24 SQ8 B . -5.49 3.37 -8.32
C19 SQ8 B . -4.56 2.51 -8.84
N4 SQ8 B . -7.70 3.77 -7.54
C17 SQ8 B . -0.51 4.99 -5.39
O2 SQ8 B . -2.42 3.99 -6.54
C12 SQ8 B . -0.53 -0.49 -9.57
C11 SQ8 B . 0.54 -1.23 -10.04
C13 SQ8 B . -3.90 0.28 -9.60
C14 SQ8 B . -2.86 4.31 -8.87
C15 SQ8 B . -1.81 4.33 -7.77
C16 SQ8 B . -0.07 5.50 -6.75
C10 SQ8 B . 1.52 -3.91 -12.09
O1 SQ8 B . -1.15 5.55 -7.69
C9 SQ8 B . 2.60 -4.68 -12.44
N3 SQ8 B . -7.15 1.65 -8.30
C8 SQ8 B . 3.85 -4.07 -12.52
C7 SQ8 B . 3.95 -2.73 -12.22
C6 SQ8 B . 1.71 -2.57 -11.80
C5 SQ8 B . 0.58 -1.72 -11.33
C2 SQ8 B . -1.59 -0.18 -10.41
N1 SQ8 B . -3.28 2.94 -9.16
C3 SQ8 B . -1.55 -0.65 -11.72
C4 SQ8 B . -0.49 -1.41 -12.18
N2 SQ8 B . 0.67 4.64 -4.59
C1 SQ8 B . -2.66 0.72 -9.90
C18 SQ8 B . -1.44 3.79 -5.52
N SQ8 B . 2.91 -1.97 -11.86
C SQ8 B . -2.33 2.13 -9.73
O SQ8 B . -1.25 2.61 -10.08
F SQ8 B . 0.29 -4.48 -12.06
CL SQ8 B . -2.85 -0.31 -12.83
#